data_6V7Y
#
_entry.id   6V7Y
#
_cell.length_a   73.270
_cell.length_b   73.270
_cell.length_c   261.077
_cell.angle_alpha   90.000
_cell.angle_beta   90.000
_cell.angle_gamma   120.000
#
_symmetry.space_group_name_H-M   'P 31 2 1'
#
loop_
_entity.id
_entity.type
_entity.pdbx_description
1 polymer 'Antigen-presenting glycoprotein CD1d'
2 polymer Beta-2-microglobulin
3 polymer 'Nanobody VHH ID5'
4 branched 2-acetamido-2-deoxy-beta-D-glucopyranose-(1-4)-2-acetamido-2-deoxy-beta-D-glucopyranose
5 branched beta-D-mannopyranose-(1-4)-2-acetamido-2-deoxy-beta-D-glucopyranose-(1-4)-2-acetamido-2-deoxy-beta-D-glucopyranose
6 non-polymer 2-acetamido-2-deoxy-beta-D-glucopyranose
7 non-polymer 'SULFATE ION'
8 non-polymer N-{(1S,2R,3S)-1-[(ALPHA-D-GALACTOPYRANOSYLOXY)METHYL]-2,3-DIHYDROXYHEPTADECYL}HEXACOSANAMIDE
9 non-polymer 'CHLORIDE ION'
10 water water
#
loop_
_entity_poly.entity_id
_entity_poly.type
_entity_poly.pdbx_seq_one_letter_code
_entity_poly.pdbx_strand_id
1 'polypeptide(L)'
;MQRLFPLRCLQISSFANSSWTRTDGLAWLGELQTHSWSNDSDTVRSLKPWSQGTFSDQQWETLQHIFRVYRSSFTRDVKE
FAKMLRLSYPLELQVSAGCEVHPGNASNNFFHVAFQGKDILSFQGTSWEPTQEAPLWVNLAIQVLNQDKWTRETVQWLLN
GTCPQFVSGLLESGKSELKKQVKPKAWLSRGPSPGPGRLLLVCHVSGFYPKPVWVKWMRGEQEQQGTQPGDILPNADETW
YLRATLDVVAGEAAGLSCRVKHSSLEGQDIVLYWGSLVPRGSGSRIARLEEKVKTLKAQNSELASTANMLREQVAQLKQK
VMNHGSGLNDIFEAQKIEWHEHHHHHH
;
A
2 'polypeptide(L)'
;MIQRTPKIQVYSRHPAENGKSNFLNCYVSGFHPSDIEVDLLKNGERIEKVEHSDLSFSKDWSFYLLYYTEFTPTEKDEYA
CRVNHVTLSQPKIVKWDRDM
;
B
3 'polypeptide(L)'
;EVQLVESGGGLVQAGGSLRLSCAASGSSFSSYTMGWFRQAPGKEREIVAGIRWSDESPIYADSVKGRFTISRDNAKNTLY
LQMNSLKPEDTAVYYCAARLVPPGIPIPRTSESMRYWGKGTLVTVSS
;
F
#
# COMPACT_ATOMS: atom_id res chain seq x y z
N MET A 1 -12.82 16.10 6.78
CA MET A 1 -12.81 14.84 6.01
C MET A 1 -11.41 14.23 5.97
N GLN A 2 -10.38 14.95 6.42
CA GLN A 2 -8.98 14.39 6.40
C GLN A 2 -8.80 12.97 7.00
N ARG A 3 -9.58 12.65 8.03
CA ARG A 3 -9.57 11.38 8.71
C ARG A 3 -10.15 10.25 7.82
N LEU A 4 -10.98 10.64 6.85
CA LEU A 4 -11.66 9.66 5.96
C LEU A 4 -10.74 9.28 4.81
N PHE A 5 -9.53 9.83 4.83
CA PHE A 5 -8.59 9.55 3.73
C PHE A 5 -7.24 9.12 4.27
N PRO A 6 -7.12 7.96 4.93
CA PRO A 6 -5.84 7.50 5.39
C PRO A 6 -5.18 6.75 4.24
N LEU A 7 -3.85 6.69 4.23
CA LEU A 7 -3.16 5.92 3.23
C LEU A 7 -2.93 4.50 3.77
N ARG A 8 -3.49 3.51 3.11
CA ARG A 8 -3.29 2.11 3.48
C ARG A 8 -2.48 1.43 2.41
N CYS A 9 -1.28 0.99 2.72
CA CYS A 9 -0.35 0.22 1.88
C CYS A 9 -0.52 -1.22 2.31
N LEU A 10 -1.08 -2.02 1.42
CA LEU A 10 -1.45 -3.42 1.78
C LEU A 10 -0.58 -4.41 1.03
N GLN A 11 -0.07 -5.37 1.79
CA GLN A 11 0.78 -6.41 1.22
C GLN A 11 0.17 -7.77 1.51
N ILE A 12 0.11 -8.60 0.47
CA ILE A 12 -0.32 -10.02 0.59
C ILE A 12 0.85 -10.89 0.12
N SER A 13 1.33 -11.73 1.01
CA SER A 13 2.47 -12.62 0.69
C SER A 13 2.12 -14.08 0.97
N SER A 14 1.98 -14.84 -0.10
CA SER A 14 1.60 -16.23 -0.01
C SER A 14 2.81 -17.14 -0.28
N PHE A 15 3.06 -18.08 0.65
CA PHE A 15 4.15 -19.04 0.60
C PHE A 15 3.57 -20.44 0.68
N ALA A 16 3.21 -21.01 -0.47
CA ALA A 16 2.63 -22.36 -0.57
C ALA A 16 3.56 -23.42 0.00
N ASN A 17 4.87 -23.20 -0.21
CA ASN A 17 5.97 -24.07 0.18
C ASN A 17 7.29 -23.34 0.02
N SER A 18 8.39 -24.08 0.33
CA SER A 18 9.78 -23.64 0.28
CA SER A 18 9.78 -23.66 0.27
C SER A 18 10.20 -23.07 -1.09
N SER A 19 9.49 -23.43 -2.19
CA SER A 19 9.80 -22.97 -3.55
CA SER A 19 9.79 -22.98 -3.55
C SER A 19 8.83 -21.89 -4.04
N TRP A 20 7.50 -22.10 -3.90
CA TRP A 20 6.48 -21.18 -4.37
C TRP A 20 6.18 -20.03 -3.40
N THR A 21 6.24 -18.80 -3.93
CA THR A 21 5.91 -17.56 -3.24
C THR A 21 5.54 -16.44 -4.22
N ARG A 22 4.66 -15.54 -3.78
CA ARG A 22 4.26 -14.36 -4.53
C ARG A 22 3.83 -13.30 -3.54
N THR A 23 4.20 -12.05 -3.84
CA THR A 23 3.88 -10.89 -3.01
C THR A 23 3.26 -9.82 -3.90
N ASP A 24 2.02 -9.46 -3.58
CA ASP A 24 1.24 -8.44 -4.34
C ASP A 24 0.87 -7.29 -3.40
N GLY A 25 0.69 -6.10 -3.95
CA GLY A 25 0.38 -4.96 -3.07
C GLY A 25 -0.50 -3.90 -3.68
N LEU A 26 -1.15 -3.12 -2.83
CA LEU A 26 -2.09 -2.05 -3.22
C LEU A 26 -1.87 -0.85 -2.33
N ALA A 27 -2.37 0.29 -2.76
CA ALA A 27 -2.40 1.51 -1.95
C ALA A 27 -3.81 2.10 -2.03
N TRP A 28 -4.40 2.45 -0.90
CA TRP A 28 -5.73 3.07 -0.84
C TRP A 28 -5.65 4.41 -0.18
N LEU A 29 -6.09 5.44 -0.90
CA LEU A 29 -6.26 6.75 -0.25
C LEU A 29 -7.75 6.87 -0.01
N GLY A 30 -8.16 6.58 1.22
CA GLY A 30 -9.56 6.56 1.58
C GLY A 30 -10.16 5.32 0.97
N GLU A 31 -11.13 5.51 0.05
CA GLU A 31 -11.76 4.37 -0.59
C GLU A 31 -11.19 4.19 -1.99
N LEU A 32 -10.30 5.07 -2.40
CA LEU A 32 -9.74 5.02 -3.74
C LEU A 32 -8.43 4.30 -3.82
N GLN A 33 -8.34 3.35 -4.75
CA GLN A 33 -7.08 2.63 -4.97
C GLN A 33 -6.23 3.50 -5.90
N THR A 34 -5.09 3.91 -5.39
CA THR A 34 -4.12 4.82 -6.04
C THR A 34 -2.94 4.09 -6.70
N HIS A 35 -2.63 2.86 -6.20
CA HIS A 35 -1.51 2.09 -6.69
C HIS A 35 -1.78 0.59 -6.68
N SER A 36 -0.97 -0.15 -7.46
CA SER A 36 -0.98 -1.60 -7.58
C SER A 36 0.45 -2.09 -7.79
N TRP A 37 0.77 -3.23 -7.18
CA TRP A 37 2.12 -3.83 -7.20
C TRP A 37 2.04 -5.33 -7.46
N SER A 38 2.18 -5.74 -8.70
CA SER A 38 2.16 -7.16 -9.05
C SER A 38 3.53 -7.80 -8.79
N ASN A 39 3.56 -9.11 -8.52
CA ASN A 39 4.78 -9.91 -8.29
C ASN A 39 5.58 -10.07 -9.61
N ASP A 40 4.89 -9.92 -10.73
CA ASP A 40 5.49 -10.09 -12.08
C ASP A 40 6.15 -8.79 -12.53
N SER A 41 6.10 -7.74 -11.72
CA SER A 41 6.62 -6.44 -12.17
C SER A 41 7.76 -5.89 -11.32
N ASP A 42 8.68 -5.13 -11.91
CA ASP A 42 9.76 -4.57 -11.06
C ASP A 42 9.25 -3.28 -10.41
N THR A 43 8.21 -2.66 -10.95
CA THR A 43 7.75 -1.36 -10.38
C THR A 43 6.33 -1.38 -9.80
N VAL A 44 6.00 -0.29 -9.11
CA VAL A 44 4.68 -0.09 -8.43
C VAL A 44 3.81 0.81 -9.32
N ARG A 45 2.80 0.23 -9.95
CA ARG A 45 1.93 0.99 -10.89
C ARG A 45 1.04 2.02 -10.19
N SER A 46 0.95 3.19 -10.81
CA SER A 46 0.09 4.32 -10.39
C SER A 46 -1.21 4.20 -11.19
N LEU A 47 -2.34 4.14 -10.51
CA LEU A 47 -3.63 3.97 -11.14
C LEU A 47 -4.41 5.30 -11.34
N LYS A 48 -3.84 6.49 -10.96
CA LYS A 48 -4.53 7.78 -11.10
C LYS A 48 -3.58 8.85 -11.62
N PRO A 49 -4.04 9.82 -12.44
CA PRO A 49 -3.13 10.89 -12.90
C PRO A 49 -2.33 11.56 -11.76
N TRP A 50 -2.95 11.64 -10.57
CA TRP A 50 -2.42 12.31 -9.36
C TRP A 50 -1.73 11.36 -8.35
N SER A 51 -1.63 10.07 -8.64
CA SER A 51 -1.05 9.02 -7.80
C SER A 51 0.39 9.29 -7.30
N GLN A 52 1.19 10.08 -8.05
CA GLN A 52 2.54 10.43 -7.59
C GLN A 52 2.51 11.52 -6.49
N GLY A 53 1.37 12.14 -6.29
CA GLY A 53 1.21 13.21 -5.32
C GLY A 53 1.97 14.40 -5.85
N THR A 54 2.86 14.94 -5.03
CA THR A 54 3.71 16.07 -5.37
C THR A 54 5.18 15.60 -5.46
N PHE A 55 5.40 14.27 -5.38
CA PHE A 55 6.75 13.68 -5.45
C PHE A 55 7.34 13.71 -6.89
N SER A 56 8.62 14.13 -6.99
CA SER A 56 9.39 14.19 -8.24
C SER A 56 9.65 12.78 -8.79
N ASP A 57 9.82 12.65 -10.11
CA ASP A 57 10.06 11.37 -10.77
C ASP A 57 11.19 10.62 -10.09
N GLN A 58 12.28 11.33 -9.69
CA GLN A 58 13.42 10.72 -9.00
C GLN A 58 13.09 10.43 -7.54
N GLN A 59 12.24 11.24 -6.87
CA GLN A 59 11.78 10.94 -5.50
C GLN A 59 10.95 9.63 -5.50
N TRP A 60 10.17 9.44 -6.57
CA TRP A 60 9.35 8.26 -6.71
C TRP A 60 10.21 7.02 -6.98
N GLU A 61 11.26 7.17 -7.83
CA GLU A 61 12.20 6.08 -8.16
C GLU A 61 13.02 5.57 -6.91
N THR A 62 13.29 6.45 -5.91
CA THR A 62 13.98 6.03 -4.68
C THR A 62 13.07 5.06 -3.91
N LEU A 63 11.78 5.38 -3.88
CA LEU A 63 10.74 4.58 -3.22
C LEU A 63 10.56 3.26 -3.94
N GLN A 64 10.60 3.28 -5.30
CA GLN A 64 10.51 2.07 -6.13
C GLN A 64 11.64 1.12 -5.76
N HIS A 65 12.88 1.66 -5.61
CA HIS A 65 14.03 0.86 -5.23
C HIS A 65 13.87 0.31 -3.82
N ILE A 66 13.45 1.14 -2.84
CA ILE A 66 13.20 0.69 -1.45
C ILE A 66 12.21 -0.49 -1.45
N PHE A 67 11.11 -0.38 -2.20
CA PHE A 67 10.06 -1.39 -2.25
C PHE A 67 10.58 -2.69 -2.86
N ARG A 68 11.34 -2.59 -3.99
CA ARG A 68 11.89 -3.76 -4.66
CA ARG A 68 11.90 -3.74 -4.68
C ARG A 68 12.81 -4.53 -3.71
N VAL A 69 13.69 -3.79 -2.98
CA VAL A 69 14.63 -4.36 -2.03
C VAL A 69 13.81 -5.01 -0.90
N TYR A 70 12.81 -4.26 -0.38
CA TYR A 70 11.94 -4.72 0.69
C TYR A 70 11.28 -6.04 0.32
N ARG A 71 10.70 -6.15 -0.91
CA ARG A 71 9.98 -7.31 -1.42
C ARG A 71 10.81 -8.56 -1.31
N SER A 72 11.92 -8.64 -2.10
CA SER A 72 12.91 -9.73 -2.17
C SER A 72 13.46 -10.14 -0.79
N SER A 73 13.78 -9.17 0.08
CA SER A 73 14.28 -9.45 1.42
C SER A 73 13.16 -9.99 2.30
N PHE A 74 11.91 -9.45 2.12
CA PHE A 74 10.78 -9.88 2.94
C PHE A 74 10.59 -11.38 2.67
N THR A 75 10.62 -11.78 1.41
CA THR A 75 10.43 -13.21 1.12
C THR A 75 11.57 -14.00 1.76
N ARG A 76 12.79 -13.55 1.56
CA ARG A 76 13.94 -14.18 2.20
C ARG A 76 13.77 -14.39 3.72
N ASP A 77 13.46 -13.31 4.46
CA ASP A 77 13.27 -13.33 5.90
C ASP A 77 12.27 -14.38 6.34
N VAL A 78 11.03 -14.38 5.78
CA VAL A 78 9.96 -15.33 6.12
C VAL A 78 10.44 -16.79 5.90
N LYS A 79 11.01 -17.11 4.71
CA LYS A 79 11.52 -18.45 4.43
C LYS A 79 12.52 -18.88 5.51
N GLU A 80 13.37 -17.94 5.97
CA GLU A 80 14.36 -18.20 7.01
C GLU A 80 13.68 -18.40 8.36
N PHE A 81 12.73 -17.54 8.74
CA PHE A 81 12.05 -17.69 10.03
C PHE A 81 11.29 -19.01 10.15
N ALA A 82 10.55 -19.41 9.10
CA ALA A 82 9.80 -20.66 9.09
C ALA A 82 10.72 -21.87 9.21
N LYS A 83 11.98 -21.75 8.75
CA LYS A 83 13.01 -22.78 8.85
C LYS A 83 13.54 -22.83 10.31
N MET A 84 13.87 -21.68 10.88
CA MET A 84 14.39 -21.58 12.27
C MET A 84 13.37 -22.12 13.26
N LEU A 85 12.07 -21.83 13.06
CA LEU A 85 10.98 -22.20 14.03
C LEU A 85 10.24 -23.48 13.67
N ARG A 86 10.37 -23.96 12.45
CA ARG A 86 9.68 -25.15 11.95
C ARG A 86 8.17 -24.83 11.79
N LEU A 87 7.86 -23.62 11.29
CA LEU A 87 6.47 -23.23 10.96
C LEU A 87 6.18 -23.82 9.60
N SER A 88 5.54 -24.99 9.55
CA SER A 88 5.30 -25.66 8.27
C SER A 88 4.29 -24.90 7.38
N TYR A 89 4.59 -24.90 6.07
CA TYR A 89 3.84 -24.30 4.98
C TYR A 89 2.48 -25.00 4.83
N PRO A 90 1.46 -24.36 4.21
CA PRO A 90 1.47 -23.03 3.56
C PRO A 90 1.31 -21.86 4.55
N LEU A 91 2.14 -20.83 4.34
CA LEU A 91 2.18 -19.59 5.16
C LEU A 91 1.61 -18.39 4.39
N GLU A 92 0.80 -17.58 5.05
CA GLU A 92 0.28 -16.35 4.42
C GLU A 92 0.57 -15.19 5.36
N LEU A 93 1.26 -14.16 4.87
CA LEU A 93 1.58 -12.97 5.69
C LEU A 93 0.83 -11.78 5.08
N GLN A 94 0.40 -10.84 5.89
CA GLN A 94 -0.25 -9.62 5.37
C GLN A 94 0.21 -8.43 6.12
N VAL A 95 0.35 -7.28 5.38
CA VAL A 95 0.83 -6.04 5.96
C VAL A 95 -0.12 -4.88 5.64
N SER A 96 -0.57 -4.21 6.68
CA SER A 96 -1.32 -2.99 6.57
C SER A 96 -0.42 -1.92 7.14
N ALA A 97 0.03 -0.99 6.29
CA ALA A 97 0.92 0.08 6.75
C ALA A 97 0.60 1.37 6.06
N GLY A 98 0.84 2.47 6.76
CA GLY A 98 0.57 3.79 6.23
C GLY A 98 0.31 4.79 7.33
N CYS A 99 -0.37 5.85 6.99
CA CYS A 99 -0.64 6.91 7.94
C CYS A 99 -1.89 7.67 7.56
N GLU A 100 -2.26 8.59 8.44
CA GLU A 100 -3.40 9.44 8.33
C GLU A 100 -3.00 10.83 8.82
N VAL A 101 -3.19 11.84 7.97
CA VAL A 101 -2.87 13.22 8.33
C VAL A 101 -4.08 13.86 9.07
N HIS A 102 -3.75 14.68 10.08
CA HIS A 102 -4.68 15.42 10.94
C HIS A 102 -4.48 16.94 10.72
N PRO A 103 -5.44 17.84 11.06
CA PRO A 103 -5.20 19.27 10.82
C PRO A 103 -4.09 19.81 11.72
N GLY A 104 -3.39 20.84 11.25
CA GLY A 104 -2.27 21.43 11.97
C GLY A 104 -0.96 20.70 11.72
N ASN A 105 -0.86 20.02 10.54
CA ASN A 105 0.28 19.24 10.02
C ASN A 105 0.72 18.07 10.96
N ALA A 106 -0.20 17.54 11.78
CA ALA A 106 0.11 16.40 12.65
C ALA A 106 -0.33 15.12 11.98
N SER A 107 0.27 13.97 12.32
CA SER A 107 -0.15 12.71 11.72
C SER A 107 -0.14 11.53 12.71
N ASN A 108 -0.65 10.37 12.22
CA ASN A 108 -0.78 9.10 12.93
CA ASN A 108 -0.70 9.12 12.96
C ASN A 108 -0.35 8.01 11.99
N ASN A 109 0.52 7.11 12.39
CA ASN A 109 0.93 6.06 11.47
C ASN A 109 0.73 4.69 12.10
N PHE A 110 0.97 3.62 11.34
CA PHE A 110 0.78 2.24 11.75
C PHE A 110 1.49 1.32 10.81
N PHE A 111 1.85 0.16 11.34
CA PHE A 111 2.44 -0.96 10.59
C PHE A 111 1.96 -2.24 11.27
N HIS A 112 0.95 -2.89 10.69
CA HIS A 112 0.41 -4.11 11.27
C HIS A 112 0.74 -5.31 10.42
N VAL A 113 1.17 -6.38 11.08
CA VAL A 113 1.51 -7.63 10.40
C VAL A 113 0.71 -8.75 10.98
N ALA A 114 0.06 -9.46 10.08
CA ALA A 114 -0.75 -10.62 10.33
C ALA A 114 -0.15 -11.82 9.67
N PHE A 115 -0.33 -12.94 10.34
CA PHE A 115 0.13 -14.27 9.94
C PHE A 115 -1.06 -15.20 10.03
N GLN A 116 -1.53 -15.72 8.87
CA GLN A 116 -2.70 -16.61 8.78
C GLN A 116 -3.95 -15.85 9.28
N GLY A 117 -4.15 -14.64 8.77
CA GLY A 117 -5.28 -13.78 9.11
C GLY A 117 -5.36 -13.29 10.54
N LYS A 118 -4.36 -13.61 11.39
CA LYS A 118 -4.33 -13.12 12.79
C LYS A 118 -3.26 -12.10 13.12
N ASP A 119 -3.54 -11.05 13.84
CA ASP A 119 -2.44 -10.08 14.09
C ASP A 119 -1.32 -10.77 14.89
N ILE A 120 -0.06 -10.62 14.49
CA ILE A 120 1.07 -11.16 15.31
C ILE A 120 1.97 -10.05 15.87
N LEU A 121 2.22 -8.97 15.13
CA LEU A 121 3.11 -7.91 15.64
C LEU A 121 2.84 -6.57 14.93
N SER A 122 3.45 -5.51 15.42
CA SER A 122 3.27 -4.17 14.87
C SER A 122 4.52 -3.32 15.12
N PHE A 123 4.72 -2.29 14.29
CA PHE A 123 5.84 -1.41 14.51
C PHE A 123 5.35 -0.30 15.47
N GLN A 124 6.01 -0.15 16.62
CA GLN A 124 5.59 0.89 17.59
C GLN A 124 6.73 1.86 17.90
N GLY A 125 6.67 3.07 17.34
CA GLY A 125 7.63 4.15 17.63
C GLY A 125 8.99 3.95 17.00
N THR A 126 9.83 3.09 17.59
CA THR A 126 11.17 2.84 17.04
C THR A 126 11.42 1.35 16.84
N SER A 127 10.53 0.49 17.30
CA SER A 127 10.79 -0.95 17.21
C SER A 127 9.54 -1.83 17.02
N TRP A 128 9.75 -3.08 16.59
CA TRP A 128 8.67 -4.07 16.45
C TRP A 128 8.23 -4.48 17.83
N GLU A 129 6.95 -4.75 17.99
CA GLU A 129 6.33 -5.08 19.27
C GLU A 129 5.27 -6.12 19.01
N PRO A 130 5.10 -7.17 19.82
CA PRO A 130 4.11 -8.20 19.46
C PRO A 130 2.70 -7.83 19.90
N THR A 131 1.71 -8.49 19.29
CA THR A 131 0.32 -8.24 19.69
C THR A 131 0.08 -8.96 21.04
N GLN A 132 -0.95 -8.52 21.81
CA GLN A 132 -1.27 -9.07 23.13
C GLN A 132 -1.54 -10.58 23.10
N GLU A 133 -2.30 -11.04 22.12
CA GLU A 133 -2.63 -12.48 21.99
C GLU A 133 -1.39 -13.31 21.63
N ALA A 134 -0.61 -12.78 20.68
CA ALA A 134 0.61 -13.30 20.03
C ALA A 134 1.30 -14.47 20.73
N PRO A 135 1.56 -15.56 19.99
CA PRO A 135 2.27 -16.72 20.52
C PRO A 135 3.74 -16.41 20.86
N LEU A 136 4.32 -17.25 21.69
CA LEU A 136 5.69 -17.09 22.20
C LEU A 136 6.76 -17.13 21.11
N TRP A 137 6.51 -17.83 19.98
CA TRP A 137 7.52 -17.91 18.92
C TRP A 137 7.70 -16.56 18.20
N VAL A 138 6.70 -15.67 18.33
CA VAL A 138 6.71 -14.33 17.75
C VAL A 138 7.69 -13.44 18.53
N ASN A 139 7.79 -13.61 19.86
CA ASN A 139 8.72 -12.83 20.72
C ASN A 139 10.17 -13.09 20.33
N LEU A 140 10.45 -14.30 19.83
CA LEU A 140 11.78 -14.63 19.35
C LEU A 140 11.96 -14.04 17.97
N ALA A 141 10.94 -14.07 17.13
CA ALA A 141 11.09 -13.49 15.81
C ALA A 141 11.41 -11.97 15.89
N ILE A 142 10.72 -11.25 16.77
CA ILE A 142 10.89 -9.78 17.01
C ILE A 142 12.28 -9.46 17.55
N GLN A 143 12.81 -10.30 18.42
CA GLN A 143 14.16 -10.12 18.99
C GLN A 143 15.21 -10.01 17.88
N VAL A 144 15.11 -10.86 16.83
CA VAL A 144 16.02 -10.86 15.68
C VAL A 144 15.73 -9.62 14.82
N LEU A 145 14.44 -9.27 14.66
CA LEU A 145 14.05 -8.11 13.85
C LEU A 145 14.52 -6.78 14.48
N ASN A 146 14.50 -6.70 15.82
CA ASN A 146 14.86 -5.50 16.55
C ASN A 146 16.38 -5.31 16.59
N GLN A 147 17.13 -6.35 16.20
CA GLN A 147 18.59 -6.25 16.15
C GLN A 147 18.98 -5.42 14.94
N ASP A 148 18.17 -5.47 13.86
CA ASP A 148 18.39 -4.76 12.61
C ASP A 148 18.05 -3.26 12.73
N LYS A 149 19.03 -2.48 13.14
CA LYS A 149 18.99 -1.03 13.34
C LYS A 149 18.59 -0.27 12.07
N TRP A 150 19.18 -0.65 10.89
CA TRP A 150 18.96 -0.01 9.58
C TRP A 150 17.48 -0.05 9.15
N THR A 151 16.87 -1.22 9.33
CA THR A 151 15.45 -1.47 9.01
C THR A 151 14.54 -0.66 9.92
N ARG A 152 14.78 -0.70 11.22
CA ARG A 152 14.00 0.08 12.17
C ARG A 152 14.04 1.59 11.78
N GLU A 153 15.18 2.07 11.23
CA GLU A 153 15.40 3.44 10.79
C GLU A 153 14.59 3.70 9.54
N THR A 154 14.70 2.82 8.52
CA THR A 154 13.91 3.01 7.30
C THR A 154 12.39 3.03 7.57
N VAL A 155 11.85 2.07 8.39
CA VAL A 155 10.42 2.06 8.63
C VAL A 155 10.02 3.30 9.44
N GLN A 156 10.85 3.80 10.35
CA GLN A 156 10.58 5.08 11.03
C GLN A 156 10.58 6.20 10.02
N TRP A 157 11.51 6.18 9.06
CA TRP A 157 11.61 7.18 7.99
C TRP A 157 10.32 7.18 7.11
N LEU A 158 9.88 6.00 6.64
CA LEU A 158 8.68 5.84 5.78
C LEU A 158 7.36 6.21 6.49
N LEU A 159 7.17 5.73 7.72
CA LEU A 159 6.00 5.99 8.54
C LEU A 159 5.93 7.41 9.03
N ASN A 160 7.03 8.00 9.51
CA ASN A 160 7.05 9.34 10.12
C ASN A 160 7.29 10.49 9.14
N GLY A 161 8.04 10.26 8.06
CA GLY A 161 8.38 11.32 7.11
C GLY A 161 7.79 11.19 5.73
N THR A 162 8.00 10.05 5.08
CA THR A 162 7.53 9.87 3.71
C THR A 162 6.01 9.86 3.65
N CYS A 163 5.39 9.00 4.45
CA CYS A 163 3.94 8.84 4.50
C CYS A 163 3.19 10.16 4.78
N PRO A 164 3.39 10.93 5.89
CA PRO A 164 2.60 12.17 6.04
C PRO A 164 2.77 13.13 4.87
N GLN A 165 3.98 13.26 4.36
CA GLN A 165 4.21 14.13 3.21
C GLN A 165 3.57 13.60 1.95
N PHE A 166 3.47 12.27 1.81
CA PHE A 166 2.89 11.70 0.60
C PHE A 166 1.43 12.00 0.50
N VAL A 167 0.66 11.69 1.55
CA VAL A 167 -0.79 11.87 1.55
C VAL A 167 -1.12 13.37 1.45
N SER A 168 -0.42 14.29 2.12
CA SER A 168 -0.76 15.72 1.93
C SER A 168 -0.75 16.10 0.43
N GLY A 169 0.28 15.69 -0.30
CA GLY A 169 0.38 15.89 -1.73
C GLY A 169 -0.69 15.13 -2.49
N LEU A 170 -1.05 13.90 -2.03
CA LEU A 170 -2.13 13.16 -2.71
C LEU A 170 -3.45 13.93 -2.58
N LEU A 171 -3.74 14.46 -1.37
CA LEU A 171 -4.93 15.27 -1.11
C LEU A 171 -4.92 16.56 -1.93
N GLU A 172 -3.77 17.13 -2.24
CA GLU A 172 -3.82 18.35 -3.04
C GLU A 172 -3.92 17.98 -4.53
N SER A 173 -3.16 16.96 -4.95
CA SER A 173 -3.16 16.49 -6.34
C SER A 173 -4.55 15.97 -6.75
N GLY A 174 -5.16 15.14 -5.92
CA GLY A 174 -6.46 14.54 -6.20
C GLY A 174 -7.69 15.24 -5.65
N LYS A 175 -7.51 16.50 -5.14
CA LYS A 175 -8.55 17.35 -4.54
CA LYS A 175 -8.55 17.36 -4.54
C LYS A 175 -9.91 17.20 -5.25
N SER A 176 -9.95 17.45 -6.60
CA SER A 176 -11.13 17.37 -7.45
C SER A 176 -11.90 16.05 -7.45
N GLU A 177 -11.17 14.98 -7.72
CA GLU A 177 -11.68 13.60 -7.79
C GLU A 177 -12.14 13.09 -6.42
N LEU A 178 -11.56 13.61 -5.35
CA LEU A 178 -11.80 13.20 -3.96
C LEU A 178 -13.08 13.90 -3.48
N LYS A 179 -13.45 15.05 -4.08
CA LYS A 179 -14.63 15.83 -3.68
C LYS A 179 -15.92 15.47 -4.50
N LYS A 180 -15.82 14.53 -5.47
CA LYS A 180 -16.95 14.13 -6.32
C LYS A 180 -18.07 13.49 -5.54
N GLN A 181 -19.32 13.73 -5.98
CA GLN A 181 -20.57 13.18 -5.45
C GLN A 181 -21.34 12.58 -6.60
N VAL A 182 -21.67 11.28 -6.51
CA VAL A 182 -22.47 10.64 -7.56
C VAL A 182 -23.73 10.18 -6.89
N LYS A 183 -24.88 10.83 -7.21
CA LYS A 183 -26.21 10.53 -6.67
C LYS A 183 -26.67 9.08 -6.95
N PRO A 184 -27.26 8.38 -5.95
CA PRO A 184 -27.72 7.00 -6.20
C PRO A 184 -29.08 6.90 -6.88
N LYS A 185 -29.33 5.74 -7.52
CA LYS A 185 -30.63 5.44 -8.11
C LYS A 185 -31.23 4.44 -7.14
N ALA A 186 -32.41 4.71 -6.65
CA ALA A 186 -33.00 3.81 -5.67
C ALA A 186 -34.34 3.27 -6.12
N TRP A 187 -34.59 1.98 -5.83
CA TRP A 187 -35.84 1.30 -6.15
C TRP A 187 -36.13 0.15 -5.20
N LEU A 188 -37.42 -0.19 -5.03
CA LEU A 188 -37.84 -1.30 -4.15
C LEU A 188 -38.13 -2.54 -4.99
N SER A 189 -38.00 -3.72 -4.39
CA SER A 189 -38.25 -4.95 -5.16
C SER A 189 -38.61 -6.09 -4.23
N ARG A 190 -39.22 -7.11 -4.81
CA ARG A 190 -39.66 -8.32 -4.11
C ARG A 190 -38.46 -9.23 -3.95
N GLY A 191 -37.86 -9.26 -2.77
CA GLY A 191 -36.69 -10.13 -2.60
C GLY A 191 -37.13 -11.54 -2.26
N PRO A 192 -36.89 -12.55 -3.09
CA PRO A 192 -37.30 -13.91 -2.78
C PRO A 192 -36.76 -14.42 -1.44
N SER A 193 -37.62 -15.10 -0.68
CA SER A 193 -37.31 -15.79 0.60
C SER A 193 -38.47 -16.70 1.01
N PRO A 196 -40.04 -19.40 6.03
CA PRO A 196 -41.44 -19.86 6.06
C PRO A 196 -42.34 -18.81 6.70
N GLY A 197 -43.31 -18.33 5.91
CA GLY A 197 -44.22 -17.26 6.29
C GLY A 197 -43.54 -15.90 6.31
N ARG A 198 -42.45 -15.77 5.54
CA ARG A 198 -41.67 -14.53 5.53
C ARG A 198 -41.29 -14.07 4.12
N LEU A 199 -41.33 -12.74 3.92
CA LEU A 199 -41.01 -12.05 2.69
C LEU A 199 -39.73 -11.27 2.91
N LEU A 200 -38.99 -10.95 1.82
CA LEU A 200 -37.78 -10.15 1.91
C LEU A 200 -38.01 -8.86 1.14
N LEU A 201 -38.01 -7.73 1.84
CA LEU A 201 -38.21 -6.43 1.21
C LEU A 201 -36.86 -5.88 0.77
N VAL A 202 -36.68 -5.54 -0.51
CA VAL A 202 -35.34 -5.14 -0.92
C VAL A 202 -35.32 -3.72 -1.44
N CYS A 203 -34.54 -2.89 -0.76
CA CYS A 203 -34.38 -1.49 -1.09
C CYS A 203 -33.00 -1.31 -1.76
N HIS A 204 -33.00 -1.22 -3.11
CA HIS A 204 -31.80 -1.06 -3.91
C HIS A 204 -31.31 0.38 -3.92
N VAL A 205 -30.01 0.58 -3.64
CA VAL A 205 -29.39 1.91 -3.68
C VAL A 205 -28.16 1.77 -4.58
N SER A 206 -28.15 2.40 -5.76
CA SER A 206 -26.99 2.07 -6.65
C SER A 206 -26.37 3.23 -7.41
N GLY A 207 -25.06 3.11 -7.66
CA GLY A 207 -24.22 4.03 -8.41
C GLY A 207 -23.87 5.26 -7.60
N PHE A 208 -23.83 5.11 -6.25
CA PHE A 208 -23.47 6.21 -5.32
C PHE A 208 -21.99 6.33 -5.05
N TYR A 209 -21.57 7.57 -4.73
CA TYR A 209 -20.21 7.95 -4.39
C TYR A 209 -20.18 9.22 -3.53
N PRO A 210 -19.46 9.28 -2.40
CA PRO A 210 -18.61 8.22 -1.90
C PRO A 210 -19.33 7.11 -1.14
N LYS A 211 -18.57 6.30 -0.41
CA LYS A 211 -19.09 5.09 0.27
C LYS A 211 -20.06 5.37 1.42
N PRO A 212 -19.89 6.36 2.30
CA PRO A 212 -20.85 6.49 3.42
C PRO A 212 -22.31 6.68 2.94
N VAL A 213 -23.17 5.78 3.43
CA VAL A 213 -24.58 5.71 3.13
C VAL A 213 -25.32 5.11 4.33
N TRP A 214 -26.55 5.59 4.52
CA TRP A 214 -27.42 5.16 5.60
CA TRP A 214 -27.44 5.16 5.61
C TRP A 214 -28.79 4.82 4.99
N VAL A 215 -29.07 3.53 4.85
CA VAL A 215 -30.32 3.04 4.24
C VAL A 215 -31.06 2.24 5.30
N LYS A 216 -32.31 2.61 5.58
CA LYS A 216 -33.06 1.92 6.66
C LYS A 216 -34.54 1.76 6.31
N TRP A 217 -35.11 0.60 6.64
CA TRP A 217 -36.55 0.31 6.46
C TRP A 217 -37.28 0.91 7.66
N MET A 218 -38.38 1.62 7.39
CA MET A 218 -39.15 2.32 8.43
C MET A 218 -40.65 2.07 8.28
N ARG A 219 -41.33 2.06 9.42
CA ARG A 219 -42.80 1.97 9.61
C ARG A 219 -43.35 3.40 9.52
N GLU A 221 -43.74 5.98 8.58
CA GLU A 221 -42.84 7.15 8.80
C GLU A 221 -42.61 7.36 10.31
N GLN A 222 -41.38 7.72 10.65
CA GLN A 222 -40.86 8.02 12.02
C GLN A 222 -40.81 6.78 12.91
N GLU A 223 -40.25 5.64 12.46
CA GLU A 223 -40.19 4.41 13.27
C GLU A 223 -39.28 3.40 12.57
N GLN A 224 -38.04 3.26 13.05
CA GLN A 224 -37.04 2.33 12.46
C GLN A 224 -37.37 0.87 12.77
N GLN A 225 -36.81 -0.05 11.98
CA GLN A 225 -37.06 -1.51 12.19
C GLN A 225 -35.71 -2.21 12.46
N GLY A 226 -35.66 -3.50 12.19
CA GLY A 226 -34.47 -4.33 12.39
C GLY A 226 -33.71 -4.50 11.08
N THR A 227 -33.55 -3.37 10.35
CA THR A 227 -32.90 -3.19 9.05
C THR A 227 -31.60 -4.00 8.91
N GLN A 228 -31.44 -4.67 7.76
CA GLN A 228 -30.23 -5.42 7.49
C GLN A 228 -29.57 -4.92 6.19
N PRO A 229 -28.89 -3.74 6.20
CA PRO A 229 -28.20 -3.30 4.99
C PRO A 229 -26.95 -4.15 4.84
N GLY A 230 -26.85 -4.85 3.71
CA GLY A 230 -25.81 -5.86 3.49
C GLY A 230 -24.48 -5.26 3.17
N ASP A 231 -23.61 -6.00 2.51
CA ASP A 231 -22.30 -5.36 2.25
C ASP A 231 -22.50 -4.22 1.26
N ILE A 232 -21.71 -3.17 1.39
CA ILE A 232 -21.74 -2.17 0.30
C ILE A 232 -20.84 -2.85 -0.73
N LEU A 233 -21.41 -3.34 -1.82
CA LEU A 233 -20.67 -4.06 -2.88
C LEU A 233 -20.06 -3.08 -3.87
N PRO A 234 -18.86 -3.34 -4.41
CA PRO A 234 -18.27 -2.43 -5.38
C PRO A 234 -18.66 -2.60 -6.85
N ASN A 235 -18.53 -1.53 -7.60
CA ASN A 235 -18.75 -1.45 -9.03
C ASN A 235 -17.44 -1.10 -9.67
N ALA A 236 -17.19 -1.62 -10.87
CA ALA A 236 -15.93 -1.36 -11.58
C ALA A 236 -15.74 0.15 -11.94
N ASP A 237 -16.71 1.03 -11.67
CA ASP A 237 -16.50 2.44 -11.97
C ASP A 237 -16.29 3.25 -10.68
N GLU A 238 -16.02 2.52 -9.57
CA GLU A 238 -15.70 3.06 -8.24
C GLU A 238 -16.95 3.62 -7.51
N THR A 239 -18.16 3.42 -8.07
CA THR A 239 -19.46 3.75 -7.44
C THR A 239 -19.82 2.55 -6.57
N TRP A 240 -20.91 2.56 -5.79
CA TRP A 240 -21.24 1.39 -4.96
C TRP A 240 -22.67 0.95 -5.09
N TYR A 241 -22.94 -0.30 -4.68
CA TYR A 241 -24.26 -0.92 -4.71
C TYR A 241 -24.66 -1.44 -3.34
N LEU A 242 -25.86 -1.13 -2.88
CA LEU A 242 -26.35 -1.62 -1.60
C LEU A 242 -27.80 -2.09 -1.71
N ARG A 243 -28.07 -3.27 -1.13
CA ARG A 243 -29.40 -3.88 -0.98
C ARG A 243 -29.80 -3.86 0.49
N ALA A 244 -30.48 -2.79 0.98
CA ALA A 244 -30.94 -2.77 2.38
C ALA A 244 -32.19 -3.56 2.44
N THR A 245 -32.10 -4.72 3.11
CA THR A 245 -33.20 -5.66 3.11
C THR A 245 -33.86 -5.82 4.48
N LEU A 246 -35.19 -6.12 4.49
CA LEU A 246 -35.93 -6.35 5.74
C LEU A 246 -36.69 -7.67 5.71
N ASP A 247 -36.38 -8.59 6.66
CA ASP A 247 -37.07 -9.89 6.78
C ASP A 247 -38.39 -9.69 7.58
N VAL A 248 -39.53 -9.69 6.87
CA VAL A 248 -40.83 -9.45 7.47
C VAL A 248 -41.81 -10.65 7.28
N VAL A 249 -42.95 -10.63 8.02
CA VAL A 249 -44.10 -11.56 8.00
C VAL A 249 -45.06 -11.06 6.90
N ALA A 250 -45.88 -11.92 6.30
CA ALA A 250 -46.77 -11.48 5.20
C ALA A 250 -47.75 -10.37 5.57
N GLY A 251 -48.18 -9.62 4.55
CA GLY A 251 -49.10 -8.50 4.73
C GLY A 251 -48.84 -7.44 3.68
N ALA A 253 -47.26 -7.10 6.69
CA ALA A 253 -46.72 -5.74 6.88
C ALA A 253 -46.47 -5.08 5.52
N ALA A 254 -47.41 -4.23 5.08
CA ALA A 254 -47.29 -3.54 3.79
C ALA A 254 -47.52 -2.01 3.88
N GLY A 255 -47.09 -1.45 5.01
CA GLY A 255 -47.09 0.00 5.26
C GLY A 255 -45.72 0.44 5.78
N LEU A 256 -44.68 -0.07 5.13
CA LEU A 256 -43.31 0.30 5.52
C LEU A 256 -42.69 1.05 4.34
N SER A 257 -41.84 2.00 4.65
CA SER A 257 -41.03 2.77 3.71
C SER A 257 -39.51 2.45 3.83
N CYS A 258 -38.70 2.97 2.87
CA CYS A 258 -37.24 2.90 2.82
C CYS A 258 -36.65 4.31 2.79
N ARG A 259 -35.81 4.68 3.78
CA ARG A 259 -35.19 6.01 3.86
C ARG A 259 -33.74 5.90 3.44
N VAL A 260 -33.37 6.67 2.40
CA VAL A 260 -32.03 6.62 1.84
C VAL A 260 -31.37 7.96 2.12
N LYS A 261 -30.31 7.94 2.96
CA LYS A 261 -29.52 9.11 3.36
C LYS A 261 -28.11 9.00 2.75
N HIS A 262 -27.76 9.98 1.90
CA HIS A 262 -26.44 10.04 1.24
C HIS A 262 -26.05 11.50 0.92
N SER A 263 -24.74 11.80 1.01
CA SER A 263 -24.09 13.11 0.86
C SER A 263 -24.48 13.85 -0.43
N SER A 264 -24.59 13.13 -1.55
CA SER A 264 -24.93 13.66 -2.87
C SER A 264 -26.34 14.23 -2.95
N LEU A 265 -27.17 13.92 -1.95
CA LEU A 265 -28.58 14.39 -1.94
C LEU A 265 -28.70 15.71 -1.17
N GLU A 266 -27.59 16.16 -0.58
CA GLU A 266 -27.49 17.47 0.08
C GLU A 266 -28.51 17.73 1.19
N GLY A 267 -28.62 16.83 2.17
CA GLY A 267 -29.48 17.05 3.33
C GLY A 267 -30.86 16.43 3.21
N GLN A 268 -31.36 16.33 1.99
CA GLN A 268 -32.67 15.69 1.74
C GLN A 268 -32.53 14.19 1.58
N ASP A 269 -33.56 13.41 1.92
CA ASP A 269 -33.51 11.95 1.75
C ASP A 269 -34.42 11.44 0.65
N ILE A 270 -34.10 10.27 0.15
CA ILE A 270 -35.00 9.61 -0.83
C ILE A 270 -35.85 8.66 0.00
N VAL A 271 -37.16 8.81 -0.09
CA VAL A 271 -38.10 7.96 0.65
C VAL A 271 -38.90 7.21 -0.38
N LEU A 272 -38.94 5.90 -0.22
CA LEU A 272 -39.61 4.94 -1.08
C LEU A 272 -40.63 4.21 -0.24
N TYR A 273 -41.88 4.14 -0.69
CA TYR A 273 -42.96 3.60 0.18
C TYR A 273 -43.36 2.15 -0.04
N TRP A 274 -43.54 1.71 -1.28
CA TRP A 274 -43.95 0.30 -1.52
C TRP A 274 -45.46 0.17 -1.80
N MET B 1 -10.71 -23.90 12.77
CA MET B 1 -9.93 -23.61 11.54
C MET B 1 -9.76 -22.10 11.35
N ILE B 2 -8.56 -21.71 10.96
CA ILE B 2 -8.20 -20.34 10.67
C ILE B 2 -8.66 -20.02 9.24
N GLN B 3 -9.07 -21.03 8.48
CA GLN B 3 -9.59 -20.83 7.11
C GLN B 3 -11.07 -20.40 7.15
N ARG B 4 -11.49 -19.60 6.16
CA ARG B 4 -12.84 -19.04 6.03
C ARG B 4 -13.35 -19.12 4.61
N THR B 5 -14.60 -19.56 4.44
CA THR B 5 -15.24 -19.70 3.13
C THR B 5 -15.55 -18.33 2.52
N PRO B 6 -15.56 -18.27 1.16
CA PRO B 6 -15.90 -17.01 0.50
C PRO B 6 -17.41 -16.80 0.38
N LYS B 7 -17.84 -15.54 0.58
CA LYS B 7 -19.22 -15.10 0.40
C LYS B 7 -19.33 -14.52 -1.02
N ILE B 8 -20.12 -15.19 -1.84
CA ILE B 8 -20.30 -14.86 -3.29
C ILE B 8 -21.58 -14.06 -3.48
N GLN B 9 -21.49 -12.90 -4.12
CA GLN B 9 -22.68 -12.08 -4.43
C GLN B 9 -22.66 -11.64 -5.90
N VAL B 10 -23.65 -12.08 -6.68
CA VAL B 10 -23.79 -11.74 -8.10
C VAL B 10 -24.81 -10.62 -8.25
N TYR B 11 -24.47 -9.56 -8.99
CA TYR B 11 -25.34 -8.40 -9.21
C TYR B 11 -24.94 -7.65 -10.48
N SER B 12 -25.69 -6.61 -10.87
CA SER B 12 -25.44 -5.86 -12.10
C SER B 12 -25.33 -4.39 -11.78
N ARG B 13 -24.58 -3.63 -12.61
CA ARG B 13 -24.31 -2.19 -12.43
C ARG B 13 -25.60 -1.35 -12.47
N HIS B 14 -26.53 -1.79 -13.32
CA HIS B 14 -27.83 -1.13 -13.58
C HIS B 14 -28.95 -2.16 -13.45
N PRO B 15 -30.19 -1.76 -13.07
CA PRO B 15 -31.29 -2.74 -13.04
C PRO B 15 -31.48 -3.32 -14.43
N ALA B 16 -31.43 -4.65 -14.52
CA ALA B 16 -31.55 -5.46 -15.74
C ALA B 16 -32.69 -5.05 -16.67
N GLU B 17 -32.39 -5.05 -17.97
CA GLU B 17 -33.30 -4.76 -19.11
C GLU B 17 -32.80 -5.54 -20.35
N ASN B 18 -33.48 -6.62 -20.71
CA ASN B 18 -33.09 -7.50 -21.81
C ASN B 18 -32.78 -6.74 -23.10
N GLY B 19 -31.64 -7.07 -23.71
CA GLY B 19 -31.20 -6.50 -24.97
C GLY B 19 -30.44 -5.19 -24.92
N LYS B 20 -30.06 -4.75 -23.71
CA LYS B 20 -29.28 -3.51 -23.51
C LYS B 20 -28.02 -3.83 -22.70
N SER B 21 -26.89 -3.20 -23.07
CA SER B 21 -25.59 -3.45 -22.43
C SER B 21 -25.58 -3.03 -20.94
N ASN B 22 -25.11 -3.97 -20.13
CA ASN B 22 -24.99 -3.89 -18.66
C ASN B 22 -23.68 -4.55 -18.24
N PHE B 23 -23.43 -4.60 -16.94
CA PHE B 23 -22.21 -5.18 -16.39
C PHE B 23 -22.57 -6.23 -15.40
N LEU B 24 -21.95 -7.40 -15.53
CA LEU B 24 -22.17 -8.48 -14.57
C LEU B 24 -21.06 -8.41 -13.55
N ASN B 25 -21.44 -8.31 -12.28
CA ASN B 25 -20.49 -8.21 -11.18
C ASN B 25 -20.58 -9.41 -10.27
N CYS B 26 -19.42 -9.89 -9.82
CA CYS B 26 -19.32 -10.96 -8.83
C CYS B 26 -18.32 -10.59 -7.76
N TYR B 27 -18.84 -10.25 -6.60
CA TYR B 27 -18.05 -9.86 -5.44
C TYR B 27 -17.86 -11.08 -4.52
N VAL B 28 -16.61 -11.57 -4.45
CA VAL B 28 -16.22 -12.71 -3.59
C VAL B 28 -15.51 -12.09 -2.40
N SER B 29 -15.91 -12.42 -1.17
CA SER B 29 -15.29 -11.75 0.01
C SER B 29 -15.37 -12.57 1.30
N GLY B 30 -14.56 -12.18 2.28
CA GLY B 30 -14.52 -12.80 3.62
C GLY B 30 -13.77 -14.10 3.67
N PHE B 31 -13.03 -14.45 2.64
CA PHE B 31 -12.33 -15.75 2.64
C PHE B 31 -10.88 -15.50 3.06
N HIS B 32 -10.37 -16.56 3.69
CA HIS B 32 -8.96 -16.74 4.10
C HIS B 32 -8.67 -18.23 3.89
N PRO B 33 -7.63 -18.67 3.17
CA PRO B 33 -6.64 -17.84 2.46
C PRO B 33 -6.98 -17.25 1.08
N SER B 34 -6.07 -16.43 0.57
CA SER B 34 -6.22 -15.67 -0.70
C SER B 34 -6.25 -16.57 -1.93
N ASP B 35 -5.73 -17.78 -1.84
CA ASP B 35 -5.78 -18.63 -3.05
C ASP B 35 -7.25 -18.93 -3.37
N ILE B 36 -7.73 -18.47 -4.52
CA ILE B 36 -9.14 -18.64 -4.97
C ILE B 36 -9.25 -18.67 -6.49
N GLU B 37 -10.25 -19.37 -7.02
CA GLU B 37 -10.55 -19.42 -8.45
C GLU B 37 -11.96 -18.92 -8.65
N VAL B 38 -12.12 -17.84 -9.45
CA VAL B 38 -13.45 -17.26 -9.73
C VAL B 38 -13.67 -17.17 -11.24
N ASP B 39 -14.86 -17.55 -11.69
CA ASP B 39 -15.24 -17.46 -13.11
C ASP B 39 -16.66 -17.06 -13.23
N LEU B 40 -16.97 -16.26 -14.25
CA LEU B 40 -18.34 -15.84 -14.59
C LEU B 40 -18.84 -16.75 -15.69
N LEU B 41 -20.10 -17.18 -15.59
CA LEU B 41 -20.62 -18.15 -16.58
C LEU B 41 -21.84 -17.64 -17.33
N LYS B 42 -21.87 -17.90 -18.64
CA LYS B 42 -23.02 -17.66 -19.51
C LYS B 42 -23.53 -19.04 -19.95
N ASN B 43 -24.78 -19.37 -19.62
CA ASN B 43 -25.43 -20.67 -19.94
C ASN B 43 -24.57 -21.89 -19.48
N GLY B 44 -23.93 -21.77 -18.32
CA GLY B 44 -23.11 -22.84 -17.77
C GLY B 44 -21.69 -22.89 -18.29
N GLU B 45 -21.40 -22.21 -19.41
CA GLU B 45 -20.07 -22.12 -20.03
C GLU B 45 -19.33 -20.89 -19.51
N ARG B 46 -18.01 -21.04 -19.25
CA ARG B 46 -17.14 -19.98 -18.72
C ARG B 46 -16.97 -18.82 -19.68
N ILE B 47 -17.13 -17.61 -19.17
CA ILE B 47 -16.94 -16.36 -19.93
C ILE B 47 -15.43 -16.07 -19.86
N GLU B 48 -14.80 -15.86 -21.02
CA GLU B 48 -13.35 -15.64 -21.17
C GLU B 48 -12.90 -14.20 -20.97
N LYS B 49 -13.65 -13.24 -21.50
CA LYS B 49 -13.34 -11.82 -21.48
C LYS B 49 -13.51 -11.12 -20.08
N VAL B 50 -13.75 -11.88 -18.99
CA VAL B 50 -13.97 -11.25 -17.66
C VAL B 50 -12.71 -10.52 -17.16
N GLU B 51 -12.95 -9.50 -16.35
CA GLU B 51 -11.95 -8.64 -15.73
C GLU B 51 -12.12 -8.73 -14.23
N HIS B 52 -11.09 -8.34 -13.46
CA HIS B 52 -11.19 -8.36 -12.01
C HIS B 52 -10.36 -7.27 -11.37
N SER B 53 -10.72 -6.93 -10.15
CA SER B 53 -10.02 -5.96 -9.35
C SER B 53 -8.81 -6.65 -8.75
N ASP B 54 -7.84 -5.85 -8.27
CA ASP B 54 -6.64 -6.37 -7.61
C ASP B 54 -7.05 -6.93 -6.26
N LEU B 55 -6.64 -8.17 -6.01
CA LEU B 55 -7.04 -8.82 -4.75
C LEU B 55 -6.61 -7.89 -3.63
N SER B 56 -7.54 -7.67 -2.72
CA SER B 56 -7.32 -6.78 -1.58
C SER B 56 -7.91 -7.42 -0.32
N PHE B 57 -7.83 -6.72 0.81
CA PHE B 57 -8.34 -7.21 2.12
C PHE B 57 -8.91 -6.06 2.98
N SER B 58 -9.79 -6.45 3.89
CA SER B 58 -10.47 -5.62 4.87
C SER B 58 -9.61 -5.50 6.10
N LYS B 59 -10.00 -4.66 7.08
CA LYS B 59 -9.25 -4.44 8.33
C LYS B 59 -9.11 -5.73 9.15
N ASP B 60 -10.10 -6.59 9.14
CA ASP B 60 -10.10 -7.85 9.87
C ASP B 60 -9.26 -8.92 9.18
N TRP B 61 -8.49 -8.52 8.14
CA TRP B 61 -7.57 -9.33 7.33
C TRP B 61 -8.27 -10.27 6.34
N SER B 62 -9.60 -10.43 6.38
CA SER B 62 -10.30 -11.27 5.36
C SER B 62 -10.21 -10.60 3.95
N PHE B 63 -10.05 -11.41 2.90
CA PHE B 63 -9.86 -10.93 1.53
C PHE B 63 -11.14 -10.76 0.78
N TYR B 64 -11.11 -9.92 -0.25
CA TYR B 64 -12.26 -9.65 -1.14
C TYR B 64 -11.73 -9.35 -2.54
N LEU B 65 -12.57 -9.62 -3.54
CA LEU B 65 -12.20 -9.47 -4.96
C LEU B 65 -13.44 -9.13 -5.77
N LEU B 66 -13.28 -8.40 -6.86
CA LEU B 66 -14.47 -8.18 -7.69
C LEU B 66 -14.17 -8.62 -9.12
N TYR B 67 -14.93 -9.60 -9.58
CA TYR B 67 -14.89 -10.06 -10.95
C TYR B 67 -16.05 -9.37 -11.68
N TYR B 68 -15.83 -8.94 -12.95
CA TYR B 68 -16.84 -8.24 -13.74
C TYR B 68 -16.62 -8.35 -15.25
N THR B 69 -17.70 -8.25 -16.01
CA THR B 69 -17.66 -8.24 -17.47
C THR B 69 -18.83 -7.49 -18.00
N GLU B 70 -18.63 -6.74 -19.11
CA GLU B 70 -19.73 -6.07 -19.82
C GLU B 70 -20.52 -7.18 -20.50
N PHE B 71 -21.85 -7.06 -20.52
CA PHE B 71 -22.74 -8.06 -21.15
C PHE B 71 -24.13 -7.48 -21.49
N THR B 72 -24.86 -8.15 -22.39
CA THR B 72 -26.24 -7.79 -22.74
C THR B 72 -27.15 -8.97 -22.33
N PRO B 73 -27.88 -8.86 -21.20
CA PRO B 73 -28.75 -9.98 -20.80
C PRO B 73 -29.90 -10.19 -21.79
N THR B 74 -30.18 -11.46 -22.10
CA THR B 74 -31.24 -11.91 -22.99
C THR B 74 -32.12 -12.83 -22.14
N GLU B 75 -33.41 -12.74 -22.39
CA GLU B 75 -34.51 -13.48 -21.78
C GLU B 75 -34.23 -14.98 -21.58
N LYS B 76 -33.50 -15.63 -22.51
CA LYS B 76 -33.21 -17.07 -22.44
C LYS B 76 -31.79 -17.38 -21.91
N ASP B 77 -30.97 -16.34 -21.60
CA ASP B 77 -29.61 -16.52 -21.10
C ASP B 77 -29.58 -16.60 -19.57
N GLU B 78 -28.84 -17.59 -19.03
CA GLU B 78 -28.67 -17.85 -17.60
C GLU B 78 -27.22 -17.51 -17.17
N TYR B 79 -27.05 -16.50 -16.31
CA TYR B 79 -25.72 -16.07 -15.87
C TYR B 79 -25.42 -16.50 -14.44
N ALA B 80 -24.17 -16.89 -14.19
CA ALA B 80 -23.76 -17.30 -12.86
C ALA B 80 -22.30 -16.89 -12.54
N CYS B 81 -21.86 -17.14 -11.30
CA CYS B 81 -20.49 -16.94 -10.84
C CYS B 81 -20.07 -18.22 -10.15
N ARG B 82 -19.01 -18.89 -10.66
CA ARG B 82 -18.44 -20.14 -10.18
C ARG B 82 -17.16 -19.86 -9.41
N VAL B 83 -17.13 -20.28 -8.13
CA VAL B 83 -16.02 -20.02 -7.22
C VAL B 83 -15.50 -21.27 -6.53
N ASN B 84 -14.18 -21.50 -6.61
CA ASN B 84 -13.52 -22.61 -5.92
C ASN B 84 -12.52 -22.06 -4.88
N HIS B 85 -12.38 -22.79 -3.74
CA HIS B 85 -11.52 -22.42 -2.59
C HIS B 85 -11.27 -23.66 -1.70
N VAL B 86 -10.14 -23.71 -1.01
CA VAL B 86 -9.76 -24.84 -0.15
C VAL B 86 -10.91 -25.26 0.79
N THR B 87 -11.63 -24.25 1.36
CA THR B 87 -12.74 -24.41 2.29
C THR B 87 -13.96 -25.08 1.63
N LEU B 88 -14.08 -24.94 0.31
CA LEU B 88 -15.15 -25.56 -0.48
C LEU B 88 -14.70 -26.99 -0.95
N SER B 89 -15.69 -27.88 -1.11
CA SER B 89 -15.47 -29.27 -1.59
C SER B 89 -15.76 -29.37 -3.09
N GLN B 90 -16.57 -28.45 -3.60
CA GLN B 90 -16.89 -28.38 -5.04
C GLN B 90 -16.96 -26.90 -5.43
N PRO B 91 -16.58 -26.51 -6.66
CA PRO B 91 -16.68 -25.13 -7.09
C PRO B 91 -18.13 -24.66 -6.95
N LYS B 92 -18.42 -23.80 -5.98
CA LYS B 92 -19.75 -23.28 -5.70
C LYS B 92 -20.25 -22.37 -6.81
N ILE B 93 -21.49 -22.63 -7.27
CA ILE B 93 -22.15 -21.83 -8.31
C ILE B 93 -23.27 -21.01 -7.70
N VAL B 94 -23.20 -19.69 -7.87
CA VAL B 94 -24.21 -18.73 -7.45
C VAL B 94 -24.75 -18.06 -8.71
N LYS B 95 -26.06 -18.15 -8.90
CA LYS B 95 -26.79 -17.65 -10.06
C LYS B 95 -27.13 -16.15 -9.96
N TRP B 96 -27.10 -15.51 -11.12
CA TRP B 96 -27.59 -14.10 -11.17
CA TRP B 96 -27.61 -14.13 -11.27
C TRP B 96 -29.14 -13.87 -11.35
N ASP B 97 -29.66 -13.46 -10.21
CA ASP B 97 -31.11 -13.18 -10.13
C ASP B 97 -31.34 -11.74 -10.55
N ARG B 98 -32.02 -11.57 -11.69
CA ARG B 98 -32.32 -10.25 -12.29
C ARG B 98 -32.81 -9.29 -11.22
N ASP B 99 -33.43 -9.77 -10.14
CA ASP B 99 -34.08 -8.86 -9.14
C ASP B 99 -33.17 -8.24 -8.06
N MET B 100 -31.91 -8.64 -8.01
CA MET B 100 -30.82 -8.25 -7.09
C MET B 100 -30.01 -7.11 -7.73
N VAL C 2 26.31 -0.75 -3.01
CA VAL C 2 26.57 -1.89 -2.11
C VAL C 2 28.07 -1.95 -1.80
N GLN C 3 28.93 -1.76 -2.82
CA GLN C 3 30.39 -1.74 -2.67
C GLN C 3 30.93 -0.40 -3.18
N LEU C 4 31.70 0.31 -2.37
CA LEU C 4 32.24 1.63 -2.78
C LEU C 4 33.76 1.64 -2.66
N VAL C 5 34.44 2.23 -3.64
CA VAL C 5 35.92 2.32 -3.53
C VAL C 5 36.36 3.76 -3.74
N GLU C 6 37.12 4.31 -2.79
CA GLU C 6 37.61 5.70 -2.90
C GLU C 6 39.00 5.73 -3.51
N SER C 7 39.32 6.82 -4.20
CA SER C 7 40.61 7.02 -4.91
C SER C 7 40.88 8.51 -5.02
N GLY C 8 42.16 8.91 -4.99
CA GLY C 8 42.51 10.33 -5.10
C GLY C 8 43.20 10.86 -3.88
N GLY C 9 43.42 10.02 -2.86
CA GLY C 9 44.12 10.47 -1.66
C GLY C 9 45.62 10.58 -1.88
N GLY C 10 46.27 11.43 -1.11
CA GLY C 10 47.71 11.63 -1.17
C GLY C 10 48.19 12.75 -0.26
N LEU C 11 49.35 13.38 -0.60
CA LEU C 11 49.95 14.48 0.16
C LEU C 11 49.78 15.80 -0.61
N VAL C 12 49.21 16.78 0.06
CA VAL C 12 48.99 18.09 -0.60
C VAL C 12 49.58 19.17 0.28
N GLN C 13 50.24 20.14 -0.35
CA GLN C 13 50.77 21.32 0.32
C GLN C 13 49.61 22.27 0.66
N ALA C 14 49.80 23.18 1.65
CA ALA C 14 48.74 24.13 2.03
C ALA C 14 48.35 25.03 0.84
N GLY C 15 47.07 25.30 0.72
CA GLY C 15 46.49 26.07 -0.39
C GLY C 15 46.21 25.20 -1.61
N GLY C 16 46.61 23.92 -1.51
CA GLY C 16 46.46 22.93 -2.56
C GLY C 16 45.04 22.53 -2.88
N SER C 17 44.91 21.72 -3.92
CA SER C 17 43.65 21.26 -4.43
C SER C 17 43.72 19.77 -4.72
N LEU C 18 42.67 19.03 -4.32
CA LEU C 18 42.63 17.59 -4.51
C LEU C 18 41.21 17.14 -4.83
N ARG C 19 41.12 16.21 -5.80
CA ARG C 19 39.86 15.69 -6.29
C ARG C 19 39.75 14.21 -5.93
N LEU C 20 38.91 13.93 -4.92
CA LEU C 20 38.60 12.55 -4.54
C LEU C 20 37.49 12.01 -5.43
N SER C 21 37.46 10.69 -5.60
CA SER C 21 36.42 10.03 -6.42
C SER C 21 35.96 8.76 -5.72
N CYS C 22 34.77 8.25 -6.08
CA CYS C 22 34.24 7.06 -5.44
C CYS C 22 33.45 6.22 -6.41
N ALA C 23 33.78 4.92 -6.49
CA ALA C 23 33.14 3.95 -7.40
C ALA C 23 32.14 3.04 -6.72
N ALA C 24 30.89 3.08 -7.22
CA ALA C 24 29.76 2.28 -6.75
C ALA C 24 29.52 1.09 -7.66
N SER C 25 29.34 -0.09 -7.05
CA SER C 25 29.17 -1.37 -7.71
C SER C 25 27.73 -1.71 -8.14
N GLY C 26 26.77 -1.21 -7.38
CA GLY C 26 25.36 -1.62 -7.49
C GLY C 26 24.55 -1.01 -8.61
N SER C 27 23.24 -1.24 -8.51
CA SER C 27 22.22 -0.76 -9.43
C SER C 27 21.56 0.51 -8.88
N SER C 28 20.84 1.24 -9.74
CA SER C 28 20.15 2.52 -9.41
C SER C 28 20.95 3.42 -8.46
N PHE C 29 22.16 3.76 -8.87
CA PHE C 29 23.08 4.61 -8.11
C PHE C 29 22.37 5.95 -7.83
N SER C 30 21.71 6.50 -8.84
CA SER C 30 20.97 7.76 -8.82
C SER C 30 19.94 7.87 -7.67
N SER C 31 19.40 6.75 -7.16
CA SER C 31 18.42 6.77 -6.07
C SER C 31 19.07 6.73 -4.67
N TYR C 32 20.38 6.41 -4.60
CA TYR C 32 21.15 6.37 -3.34
C TYR C 32 21.60 7.76 -2.92
N THR C 33 21.63 8.03 -1.61
CA THR C 33 22.19 9.27 -1.08
C THR C 33 23.67 9.00 -0.94
N MET C 34 24.52 9.91 -1.42
CA MET C 34 25.95 9.72 -1.31
C MET C 34 26.52 10.76 -0.36
N GLY C 35 27.58 10.38 0.33
CA GLY C 35 28.24 11.27 1.29
C GLY C 35 29.71 11.01 1.44
N TRP C 36 30.46 12.12 1.68
CA TRP C 36 31.87 12.21 2.00
C TRP C 36 32.00 12.50 3.49
N PHE C 37 32.68 11.60 4.19
CA PHE C 37 32.91 11.71 5.63
C PHE C 37 34.40 11.71 5.89
N ARG C 38 34.83 12.24 7.03
CA ARG C 38 36.26 12.28 7.33
C ARG C 38 36.53 12.04 8.81
N GLN C 39 37.68 11.45 9.11
CA GLN C 39 38.14 11.17 10.45
C GLN C 39 39.58 11.58 10.58
N ALA C 40 39.85 12.51 11.48
CA ALA C 40 41.20 12.98 11.74
C ALA C 40 41.70 12.22 12.95
N PRO C 41 43.03 12.11 13.19
CA PRO C 41 43.48 11.39 14.41
C PRO C 41 42.84 12.00 15.66
N GLY C 42 42.35 11.12 16.53
CA GLY C 42 41.69 11.53 17.77
C GLY C 42 40.21 11.87 17.63
N LYS C 43 39.89 12.82 16.73
CA LYS C 43 38.53 13.30 16.50
C LYS C 43 37.64 12.25 15.82
N GLU C 44 36.34 12.28 16.17
CA GLU C 44 35.30 11.39 15.66
C GLU C 44 35.02 11.58 14.14
N ARG C 45 34.34 10.61 13.51
CA ARG C 45 34.07 10.62 12.07
C ARG C 45 32.90 11.57 11.76
N GLU C 46 33.25 12.66 11.12
CA GLU C 46 32.26 13.68 10.77
C GLU C 46 32.09 13.73 9.26
N ILE C 47 31.03 14.45 8.92
CA ILE C 47 30.49 14.72 7.56
C ILE C 47 31.16 15.95 6.95
N VAL C 48 31.43 15.87 5.66
CA VAL C 48 32.01 16.98 4.85
C VAL C 48 30.95 17.40 3.84
N ALA C 49 30.43 16.46 3.07
CA ALA C 49 29.41 16.80 2.07
C ALA C 49 28.44 15.64 1.82
N GLY C 50 27.18 15.98 1.56
CA GLY C 50 26.11 15.00 1.28
C GLY C 50 25.34 15.37 0.03
N ILE C 51 24.93 14.38 -0.75
CA ILE C 51 24.22 14.70 -2.02
C ILE C 51 23.14 13.65 -2.31
N ARG C 52 22.01 14.08 -2.89
CA ARG C 52 20.89 13.15 -3.20
C ARG C 52 20.35 13.39 -4.60
N TRP C 53 19.24 14.13 -4.71
CA TRP C 53 18.57 14.33 -6.03
C TRP C 53 18.99 15.62 -6.73
N SER C 54 19.03 15.58 -8.05
CA SER C 54 19.41 16.69 -8.94
C SER C 54 18.76 18.01 -8.53
N ASP C 55 17.45 18.01 -8.30
CA ASP C 55 16.73 19.23 -7.96
C ASP C 55 17.14 19.78 -6.58
N GLU C 56 17.61 18.89 -5.71
CA GLU C 56 17.99 19.15 -4.33
C GLU C 56 19.37 19.75 -4.19
N SER C 57 19.51 20.76 -3.31
CA SER C 57 20.80 21.38 -3.03
C SER C 57 21.60 20.46 -2.11
N PRO C 58 22.93 20.29 -2.34
CA PRO C 58 23.71 19.41 -1.47
C PRO C 58 24.00 20.05 -0.12
N ILE C 59 24.49 19.26 0.84
CA ILE C 59 24.78 19.81 2.17
C ILE C 59 26.28 19.81 2.43
N TYR C 60 26.78 20.76 3.24
CA TYR C 60 28.20 20.90 3.60
C TYR C 60 28.43 21.23 5.08
N ALA C 61 29.61 20.88 5.59
CA ALA C 61 30.04 21.23 6.95
C ALA C 61 30.57 22.65 6.89
N ASP C 62 30.26 23.50 7.89
CA ASP C 62 30.66 24.93 7.91
C ASP C 62 32.16 25.14 7.67
N SER C 63 32.99 24.20 8.12
CA SER C 63 34.44 24.24 7.94
C SER C 63 34.87 24.06 6.48
N VAL C 64 34.06 23.35 5.66
CA VAL C 64 34.41 23.06 4.25
C VAL C 64 33.50 23.79 3.23
N LYS C 65 32.53 24.61 3.71
CA LYS C 65 31.65 25.44 2.88
C LYS C 65 32.49 26.43 2.09
N GLY C 66 32.17 26.59 0.80
CA GLY C 66 32.89 27.49 -0.09
C GLY C 66 34.27 27.03 -0.53
N ARG C 67 34.80 25.96 0.08
CA ARG C 67 36.10 25.40 -0.28
C ARG C 67 35.95 24.04 -0.97
N PHE C 68 35.06 23.18 -0.47
CA PHE C 68 34.82 21.86 -1.07
C PHE C 68 33.50 21.83 -1.84
N THR C 69 33.42 20.93 -2.83
CA THR C 69 32.21 20.79 -3.64
C THR C 69 31.97 19.31 -3.93
N ILE C 70 30.73 18.87 -3.72
CA ILE C 70 30.29 17.50 -3.97
C ILE C 70 29.54 17.47 -5.32
N SER C 71 29.69 16.34 -6.03
CA SER C 71 29.05 16.11 -7.31
C SER C 71 28.98 14.62 -7.60
N ARG C 72 28.05 14.26 -8.46
CA ARG C 72 27.83 12.88 -8.89
C ARG C 72 27.69 12.83 -10.41
N ASP C 73 28.01 11.67 -10.96
CA ASP C 73 27.95 11.41 -12.40
C ASP C 73 27.25 10.08 -12.52
N ASN C 74 25.92 10.12 -12.36
CA ASN C 74 25.03 8.95 -12.37
C ASN C 74 25.41 7.96 -13.48
N ALA C 75 25.70 8.46 -14.70
CA ALA C 75 26.13 7.64 -15.82
C ALA C 75 27.46 6.91 -15.50
N LYS C 76 28.52 7.65 -15.08
CA LYS C 76 29.82 7.05 -14.72
C LYS C 76 29.77 6.28 -13.35
N ASN C 77 28.58 6.28 -12.67
CA ASN C 77 28.30 5.61 -11.38
C ASN C 77 29.27 6.03 -10.27
N THR C 78 29.88 7.23 -10.42
CA THR C 78 30.91 7.75 -9.51
C THR C 78 30.56 9.08 -8.82
N LEU C 79 31.02 9.21 -7.56
CA LEU C 79 30.84 10.39 -6.70
C LEU C 79 32.19 11.11 -6.56
N TYR C 80 32.17 12.45 -6.58
CA TYR C 80 33.38 13.27 -6.48
C TYR C 80 33.34 14.30 -5.35
N LEU C 81 34.52 14.66 -4.82
CA LEU C 81 34.71 15.71 -3.81
C LEU C 81 35.84 16.61 -4.29
N GLN C 82 35.52 17.85 -4.71
CA GLN C 82 36.56 18.78 -5.15
C GLN C 82 36.97 19.66 -3.99
N MET C 83 38.12 19.30 -3.42
CA MET C 83 38.72 20.01 -2.27
C MET C 83 39.62 21.13 -2.79
N ASN C 84 39.32 22.36 -2.41
CA ASN C 84 40.12 23.53 -2.77
C ASN C 84 40.59 24.30 -1.52
N SER C 85 41.69 25.06 -1.65
CA SER C 85 42.29 25.91 -0.60
C SER C 85 42.51 25.13 0.70
N LEU C 86 43.11 23.93 0.57
CA LEU C 86 43.37 23.01 1.66
C LEU C 86 44.25 23.58 2.78
N LYS C 87 43.90 23.18 4.00
CA LYS C 87 44.52 23.56 5.28
C LYS C 87 45.05 22.32 5.99
N PRO C 88 46.00 22.44 6.94
CA PRO C 88 46.49 21.22 7.60
C PRO C 88 45.39 20.59 8.45
N GLU C 89 44.33 21.39 8.74
CA GLU C 89 43.15 21.00 9.52
CA GLU C 89 43.14 21.02 9.51
C GLU C 89 42.36 19.93 8.80
N ASP C 90 42.45 19.91 7.45
CA ASP C 90 41.77 19.00 6.53
C ASP C 90 42.49 17.66 6.45
N THR C 91 43.60 17.49 7.18
CA THR C 91 44.29 16.21 7.23
C THR C 91 43.38 15.22 7.93
N ALA C 92 43.00 14.16 7.19
CA ALA C 92 42.08 13.14 7.69
C ALA C 92 41.97 11.96 6.72
N VAL C 93 41.31 10.89 7.19
CA VAL C 93 40.95 9.73 6.40
C VAL C 93 39.60 10.09 5.79
N TYR C 94 39.50 10.12 4.47
CA TYR C 94 38.23 10.44 3.85
C TYR C 94 37.53 9.19 3.40
N TYR C 95 36.32 9.00 3.93
CA TYR C 95 35.45 7.90 3.65
C TYR C 95 34.31 8.31 2.72
N CYS C 96 33.84 7.34 1.96
CA CYS C 96 32.76 7.44 1.00
C CYS C 96 31.63 6.59 1.53
N ALA C 97 30.42 7.15 1.57
CA ALA C 97 29.24 6.53 2.17
C ALA C 97 27.99 6.61 1.31
N ALA C 98 27.13 5.60 1.41
CA ALA C 98 25.87 5.56 0.65
C ALA C 98 24.73 5.06 1.53
N ARG C 99 23.48 5.42 1.16
CA ARG C 99 22.26 5.04 1.87
C ARG C 99 21.01 5.37 1.09
N LEU C 100 20.01 4.46 1.11
CA LEU C 100 18.69 4.76 0.55
C LEU C 100 17.94 5.63 1.55
N VAL C 101 17.69 6.90 1.20
CA VAL C 101 16.94 7.81 2.07
C VAL C 101 15.62 8.20 1.37
N PRO C 102 14.45 7.81 1.92
CA PRO C 102 13.17 8.10 1.27
C PRO C 102 12.83 9.60 1.10
N PRO C 103 11.83 10.01 0.28
CA PRO C 103 11.61 11.44 0.01
C PRO C 103 11.29 12.40 1.18
N GLY C 104 10.58 11.94 2.20
CA GLY C 104 10.17 12.86 3.28
C GLY C 104 11.26 13.21 4.26
N ILE C 105 12.46 12.66 4.08
CA ILE C 105 13.58 12.80 5.05
C ILE C 105 14.76 13.61 4.51
N PRO C 106 15.33 14.56 5.28
CA PRO C 106 16.50 15.35 4.84
C PRO C 106 17.84 14.61 4.76
N ILE C 107 18.75 15.01 3.87
CA ILE C 107 20.03 14.29 3.77
C ILE C 107 20.63 14.16 5.20
N PRO C 108 20.95 12.93 5.65
CA PRO C 108 21.51 12.75 7.00
C PRO C 108 22.92 13.33 7.19
N ARG C 109 23.12 14.02 8.32
CA ARG C 109 24.35 14.67 8.72
C ARG C 109 25.27 13.75 9.55
N THR C 110 24.73 12.72 10.20
CA THR C 110 25.49 11.80 11.06
C THR C 110 25.92 10.53 10.29
N SER C 111 27.09 9.95 10.66
CA SER C 111 27.71 8.77 10.03
C SER C 111 26.94 7.48 10.30
N GLU C 112 26.23 7.42 11.45
CA GLU C 112 25.47 6.30 11.98
C GLU C 112 24.30 5.95 11.09
N SER C 113 23.90 6.91 10.23
CA SER C 113 22.76 6.82 9.32
C SER C 113 23.15 6.29 7.92
N MET C 114 24.48 6.29 7.56
CA MET C 114 24.95 5.78 6.27
C MET C 114 25.27 4.31 6.40
N ARG C 115 24.85 3.51 5.43
CA ARG C 115 24.96 2.03 5.49
C ARG C 115 26.16 1.45 4.72
N TYR C 116 26.54 2.03 3.58
CA TYR C 116 27.68 1.49 2.85
C TYR C 116 28.88 2.40 2.98
N TRP C 117 29.98 1.80 3.42
CA TRP C 117 31.24 2.55 3.64
C TRP C 117 32.40 1.90 2.90
N GLY C 118 33.20 2.73 2.23
CA GLY C 118 34.44 2.29 1.61
C GLY C 118 35.49 2.11 2.69
N LYS C 119 36.69 1.57 2.33
CA LYS C 119 37.78 1.39 3.29
C LYS C 119 38.52 2.71 3.57
N GLY C 120 38.27 3.73 2.73
CA GLY C 120 38.78 5.08 2.87
C GLY C 120 40.06 5.42 2.15
N THR C 121 40.35 6.74 2.04
CA THR C 121 41.58 7.26 1.44
CA THR C 121 41.56 7.26 1.43
C THR C 121 42.26 8.14 2.47
N LEU C 122 43.57 8.28 2.32
CA LEU C 122 44.34 9.08 3.28
C LEU C 122 44.76 10.36 2.58
N VAL C 123 44.47 11.48 3.22
CA VAL C 123 44.84 12.81 2.75
C VAL C 123 45.59 13.50 3.86
N THR C 124 46.72 14.11 3.49
CA THR C 124 47.57 14.87 4.40
C THR C 124 47.96 16.20 3.74
N VAL C 125 47.91 17.27 4.53
CA VAL C 125 48.20 18.65 4.15
C VAL C 125 49.30 19.19 5.06
N SER C 126 50.32 19.86 4.47
CA SER C 126 51.49 20.42 5.14
C SER C 126 51.46 21.96 5.22
N SER C 127 52.47 22.57 5.90
CA SER C 127 52.74 24.01 6.16
C SER C 127 51.95 24.46 7.36
#